data_2C7Q
#
_entry.id   2C7Q
#
_cell.length_a   95.100
_cell.length_b   95.100
_cell.length_c   312.180
_cell.angle_alpha   90.00
_cell.angle_beta   90.00
_cell.angle_gamma   120.00
#
_symmetry.space_group_name_H-M   'H 3 2'
#
loop_
_entity.id
_entity.type
_entity.pdbx_description
1 polymer 'MODIFICATION METHYLASE HHAI'
2 polymer "5'-D(*T*GP*GP*(2PR)*GP*GP*(5CM)*GP*CP*TP*GP* AP*C)-3'"
3 polymer "5'-D(*T*GP*TP*CP*AP*GP*CP*GP*CP*CP*GP*CP*C)-3'"
4 non-polymer S-ADENOSYL-L-HOMOCYSTEINE
5 non-polymer 'SULFATE ION'
6 non-polymer 'CITRIC ACID'
7 water water
#
loop_
_entity_poly.entity_id
_entity_poly.type
_entity_poly.pdbx_seq_one_letter_code
_entity_poly.pdbx_strand_id
1 'polypeptide(L)'
;MIEIKDKQLTGLRFIDLFAGLGGFRLALESCGAECVYSNEWDKYAQEVYEMNFGEKPEGDITQVNEKTIPDHDILCAGFP
CQAFSISGKQKGFEDSRGTLFFDIARIVREKKPKVVFMENVKNFASHDNGNTLEVVKNTMNELDYSFHAKVLNALDYGIP
QKRERIYMICFRNDLNIQNFQFPKPFELNTFVKDLLLPDSEVEHLVIDRKDLVMTNQEIEQTTPKTVRLGIVGKGGQGER
IYSTRGIAITLSAYGGGIFAKTGGYLVNGKTRKLHPRECARVMGYPDSYKVHPSTSQAYKQFGNSVVINVLQYIAYNIGS
SLNFKPY
;
A
2 'polydeoxyribonucleotide' (DT)(DG)(DG)(2PR)(DG)(DG)(5CM)(DG)(DC)(DT)(DG)(DA)(DC) C
3 'polydeoxyribonucleotide' (DT)(DG)(DT)(DC)(DA)(DG)(DC)(DG)(DC)(DC)(DG)(DC)(DC) D
#
# COMPACT_ATOMS: atom_id res chain seq x y z
N MET A 1 -1.12 11.89 4.10
CA MET A 1 -2.24 11.37 4.93
C MET A 1 -3.06 12.53 5.46
N ILE A 2 -4.29 12.26 5.88
CA ILE A 2 -5.15 13.32 6.37
C ILE A 2 -5.27 13.29 7.88
N GLU A 3 -5.90 14.32 8.43
CA GLU A 3 -6.12 14.41 9.86
C GLU A 3 -7.43 13.70 10.15
N ILE A 4 -7.48 13.00 11.28
CA ILE A 4 -8.69 12.28 11.68
C ILE A 4 -9.11 12.87 13.03
N LYS A 5 -10.16 13.67 13.04
CA LYS A 5 -10.63 14.29 14.28
C LYS A 5 -11.31 13.29 15.21
N ASP A 6 -12.19 12.47 14.66
CA ASP A 6 -12.91 11.47 15.45
C ASP A 6 -12.14 10.14 15.42
N LYS A 7 -11.43 9.86 16.51
CA LYS A 7 -10.63 8.64 16.62
C LYS A 7 -11.50 7.41 16.80
N GLN A 8 -12.05 6.91 15.70
CA GLN A 8 -12.92 5.75 15.70
C GLN A 8 -12.32 4.48 16.30
N LEU A 9 -11.00 4.36 16.28
CA LEU A 9 -10.36 3.16 16.81
C LEU A 9 -9.72 3.29 18.20
N THR A 10 -10.05 4.35 18.93
CA THR A 10 -9.51 4.54 20.26
C THR A 10 -9.80 3.32 21.14
N GLY A 11 -8.79 2.87 21.88
CA GLY A 11 -8.95 1.72 22.75
C GLY A 11 -8.77 0.37 22.08
N LEU A 12 -8.58 0.38 20.76
CA LEU A 12 -8.39 -0.87 20.03
C LEU A 12 -6.92 -1.16 19.80
N ARG A 13 -6.55 -2.43 19.89
CA ARG A 13 -5.17 -2.86 19.71
C ARG A 13 -5.05 -3.57 18.37
N PHE A 14 -3.94 -3.39 17.67
CA PHE A 14 -3.77 -4.06 16.39
C PHE A 14 -2.35 -4.55 16.21
N ILE A 15 -2.14 -5.48 15.29
CA ILE A 15 -0.80 -5.96 15.02
C ILE A 15 -0.48 -5.59 13.57
N ASP A 16 0.81 -5.35 13.34
CA ASP A 16 1.34 -4.90 12.06
C ASP A 16 2.21 -5.98 11.43
N LEU A 17 1.57 -6.93 10.75
CA LEU A 17 2.25 -8.02 10.07
C LEU A 17 2.74 -7.58 8.69
N PHE A 18 3.85 -8.15 8.22
CA PHE A 18 4.43 -7.77 6.93
C PHE A 18 4.46 -6.25 6.95
N ALA A 19 4.91 -5.72 8.09
CA ALA A 19 4.95 -4.29 8.36
C ALA A 19 5.55 -3.35 7.32
N GLY A 20 6.68 -3.71 6.74
CA GLY A 20 7.31 -2.84 5.77
C GLY A 20 7.62 -1.50 6.43
N LEU A 21 7.09 -0.42 5.84
CA LEU A 21 7.29 0.93 6.37
C LEU A 21 6.35 1.24 7.53
N GLY A 22 5.32 0.42 7.70
CA GLY A 22 4.38 0.66 8.77
C GLY A 22 3.19 1.50 8.32
N GLY A 23 2.85 1.41 7.04
CA GLY A 23 1.71 2.17 6.50
C GLY A 23 0.43 1.89 7.27
N PHE A 24 0.16 0.63 7.57
CA PHE A 24 -1.03 0.27 8.33
C PHE A 24 -0.97 0.90 9.72
N ARG A 25 0.24 1.00 10.28
CA ARG A 25 0.40 1.59 11.60
C ARG A 25 0.08 3.07 11.57
N LEU A 26 0.58 3.79 10.57
CA LEU A 26 0.28 5.22 10.47
C LEU A 26 -1.24 5.40 10.36
N ALA A 27 -1.84 4.60 9.47
CA ALA A 27 -3.29 4.67 9.25
C ALA A 27 -4.12 4.39 10.50
N LEU A 28 -3.90 3.25 11.14
CA LEU A 28 -4.67 2.92 12.32
C LEU A 28 -4.36 3.80 13.53
N GLU A 29 -3.09 4.18 13.72
CA GLU A 29 -2.78 5.06 14.83
C GLU A 29 -3.44 6.43 14.63
N SER A 30 -3.58 6.85 13.38
CA SER A 30 -4.20 8.15 13.11
C SER A 30 -5.66 8.11 13.54
N CYS A 31 -6.22 6.91 13.62
CA CYS A 31 -7.61 6.73 14.05
C CYS A 31 -7.73 6.40 15.54
N GLY A 32 -6.60 6.40 16.25
CA GLY A 32 -6.62 6.14 17.67
C GLY A 32 -6.22 4.76 18.16
N ALA A 33 -5.97 3.83 17.25
CA ALA A 33 -5.59 2.47 17.65
C ALA A 33 -4.16 2.39 18.14
N GLU A 34 -3.88 1.34 18.90
CA GLU A 34 -2.58 1.11 19.49
C GLU A 34 -1.94 -0.14 18.90
N CYS A 35 -0.72 -0.01 18.40
CA CYS A 35 -0.02 -1.15 17.81
C CYS A 35 0.65 -1.90 18.95
N VAL A 36 0.40 -3.20 19.03
CA VAL A 36 0.97 -4.02 20.08
C VAL A 36 1.95 -5.08 19.58
N TYR A 37 2.17 -5.13 18.28
CA TYR A 37 3.09 -6.11 17.70
C TYR A 37 3.34 -5.79 16.24
N SER A 38 4.57 -5.99 15.80
CA SER A 38 4.92 -5.76 14.41
C SER A 38 5.83 -6.90 13.98
N ASN A 39 5.72 -7.26 12.71
CA ASN A 39 6.53 -8.33 12.16
C ASN A 39 6.97 -7.97 10.75
N GLU A 40 8.27 -8.08 10.49
CA GLU A 40 8.87 -7.78 9.20
C GLU A 40 10.27 -8.37 9.22
N TRP A 41 10.59 -9.25 8.25
CA TRP A 41 11.89 -9.89 8.24
C TRP A 41 12.99 -9.24 7.42
N ASP A 42 12.66 -8.22 6.63
CA ASP A 42 13.68 -7.56 5.83
C ASP A 42 14.52 -6.62 6.71
N LYS A 43 15.82 -6.85 6.68
CA LYS A 43 16.77 -6.05 7.45
C LYS A 43 16.60 -4.55 7.33
N TYR A 44 16.52 -4.06 6.09
CA TYR A 44 16.39 -2.63 5.85
C TYR A 44 15.04 -2.08 6.22
N ALA A 45 13.99 -2.86 5.99
CA ALA A 45 12.65 -2.44 6.37
C ALA A 45 12.59 -2.32 7.89
N GLN A 46 13.25 -3.25 8.60
CA GLN A 46 13.28 -3.22 10.06
C GLN A 46 13.97 -1.96 10.55
N GLU A 47 15.00 -1.54 9.84
CA GLU A 47 15.74 -0.34 10.20
C GLU A 47 14.88 0.91 10.04
N VAL A 48 14.22 1.05 8.91
CA VAL A 48 13.39 2.23 8.69
C VAL A 48 12.19 2.19 9.63
N TYR A 49 11.71 0.99 9.94
CA TYR A 49 10.57 0.85 10.85
C TYR A 49 11.01 1.34 12.22
N GLU A 50 12.20 0.93 12.63
CA GLU A 50 12.73 1.34 13.92
C GLU A 50 12.98 2.85 13.97
N MET A 51 13.44 3.42 12.87
CA MET A 51 13.69 4.86 12.78
C MET A 51 12.42 5.66 13.02
N ASN A 52 11.30 5.11 12.58
CA ASN A 52 10.04 5.81 12.70
C ASN A 52 9.14 5.45 13.87
N PHE A 53 9.25 4.23 14.38
CA PHE A 53 8.41 3.80 15.49
C PHE A 53 9.18 3.36 16.73
N GLY A 54 10.50 3.29 16.62
CA GLY A 54 11.32 2.94 17.76
C GLY A 54 11.41 1.48 18.17
N GLU A 55 10.88 0.57 17.37
CA GLU A 55 10.95 -0.85 17.69
C GLU A 55 11.39 -1.61 16.46
N LYS A 56 12.05 -2.74 16.68
CA LYS A 56 12.51 -3.60 15.60
C LYS A 56 11.47 -4.70 15.48
N PRO A 57 10.78 -4.79 14.33
CA PRO A 57 9.76 -5.82 14.17
C PRO A 57 10.37 -7.22 14.31
N GLU A 58 9.56 -8.18 14.75
CA GLU A 58 10.05 -9.54 14.88
C GLU A 58 10.24 -10.13 13.48
N GLY A 59 11.19 -11.03 13.33
CA GLY A 59 11.47 -11.64 12.03
C GLY A 59 10.53 -12.73 11.56
N ASP A 60 10.94 -13.41 10.49
CA ASP A 60 10.19 -14.48 9.82
C ASP A 60 8.94 -14.97 10.53
N ILE A 61 7.78 -14.51 10.05
CA ILE A 61 6.50 -14.88 10.61
C ILE A 61 6.19 -16.37 10.55
N THR A 62 6.78 -17.07 9.58
CA THR A 62 6.52 -18.50 9.45
C THR A 62 7.16 -19.29 10.58
N GLN A 63 8.02 -18.65 11.37
CA GLN A 63 8.68 -19.32 12.50
C GLN A 63 8.19 -18.80 13.85
N VAL A 64 7.24 -17.87 13.82
CA VAL A 64 6.71 -17.32 15.05
C VAL A 64 5.54 -18.14 15.55
N ASN A 65 5.57 -18.54 16.82
CA ASN A 65 4.49 -19.33 17.40
C ASN A 65 3.31 -18.37 17.58
N GLU A 66 2.23 -18.58 16.83
CA GLU A 66 1.07 -17.69 16.90
C GLU A 66 0.54 -17.45 18.32
N LYS A 67 0.84 -18.36 19.24
CA LYS A 67 0.38 -18.21 20.61
C LYS A 67 1.16 -17.13 21.35
N THR A 68 2.34 -16.77 20.82
CA THR A 68 3.18 -15.76 21.46
C THR A 68 2.82 -14.35 20.98
N ILE A 69 1.94 -14.25 19.99
CA ILE A 69 1.52 -12.96 19.48
C ILE A 69 0.53 -12.35 20.45
N PRO A 70 0.75 -11.10 20.86
CA PRO A 70 -0.12 -10.39 21.80
C PRO A 70 -1.58 -10.35 21.37
N ASP A 71 -2.49 -10.33 22.34
CA ASP A 71 -3.91 -10.26 22.02
C ASP A 71 -4.11 -8.93 21.32
N HIS A 72 -5.01 -8.91 20.34
CA HIS A 72 -5.29 -7.70 19.58
C HIS A 72 -6.70 -7.74 19.00
N ASP A 73 -7.19 -6.58 18.59
CA ASP A 73 -8.52 -6.44 18.05
C ASP A 73 -8.55 -6.45 16.53
N ILE A 74 -7.47 -5.92 15.93
CA ILE A 74 -7.38 -5.84 14.48
C ILE A 74 -6.03 -6.35 13.98
N LEU A 75 -6.07 -7.29 13.04
CA LEU A 75 -4.85 -7.83 12.46
C LEU A 75 -4.67 -7.16 11.10
N CYS A 76 -3.53 -6.51 10.89
CA CYS A 76 -3.27 -5.84 9.61
C CYS A 76 -2.24 -6.62 8.83
N ALA A 77 -2.45 -6.78 7.54
CA ALA A 77 -1.49 -7.52 6.74
C ALA A 77 -1.54 -7.24 5.26
N GLY A 78 -0.50 -6.57 4.76
CA GLY A 78 -0.39 -6.32 3.34
C GLY A 78 0.62 -7.40 3.02
N PHE A 79 0.15 -8.61 2.75
CA PHE A 79 1.08 -9.70 2.51
C PHE A 79 1.76 -9.68 1.13
N PRO A 80 2.86 -10.44 0.97
CA PRO A 80 3.59 -10.48 -0.30
C PRO A 80 2.71 -10.59 -1.53
N CYS A 81 3.09 -9.89 -2.58
CA CYS A 81 2.31 -9.88 -3.81
C CYS A 81 3.06 -10.31 -5.07
N GLN A 82 4.35 -10.57 -4.97
CA GLN A 82 5.11 -10.94 -6.17
C GLN A 82 4.46 -12.12 -6.88
N ALA A 83 3.96 -13.08 -6.10
CA ALA A 83 3.32 -14.28 -6.65
C ALA A 83 1.92 -14.06 -7.22
N PHE A 84 1.36 -12.88 -7.05
CA PHE A 84 0.01 -12.62 -7.55
C PHE A 84 -0.08 -11.46 -8.52
N SER A 85 0.95 -10.62 -8.52
CA SER A 85 0.99 -9.44 -9.38
C SER A 85 0.97 -9.74 -10.87
N ILE A 86 0.31 -8.87 -11.62
CA ILE A 86 0.22 -9.00 -13.06
C ILE A 86 1.63 -8.85 -13.66
N SER A 87 2.53 -8.24 -12.90
CA SER A 87 3.89 -8.00 -13.36
C SER A 87 4.86 -9.16 -13.14
N GLY A 88 4.42 -10.18 -12.42
CA GLY A 88 5.27 -11.34 -12.15
C GLY A 88 4.88 -12.61 -12.88
N LYS A 89 5.32 -13.74 -12.33
CA LYS A 89 5.06 -15.06 -12.92
C LYS A 89 3.74 -15.70 -12.52
N GLN A 90 3.05 -15.09 -11.57
CA GLN A 90 1.76 -15.57 -11.10
C GLN A 90 1.71 -17.01 -10.61
N LYS A 91 2.76 -17.48 -9.96
CA LYS A 91 2.78 -18.84 -9.44
C LYS A 91 1.84 -18.96 -8.24
N GLY A 92 1.40 -17.82 -7.72
CA GLY A 92 0.47 -17.82 -6.58
C GLY A 92 0.87 -18.65 -5.37
N PHE A 93 -0.06 -19.50 -4.92
CA PHE A 93 0.20 -20.33 -3.76
C PHE A 93 1.32 -21.33 -3.97
N GLU A 94 1.74 -21.53 -5.22
CA GLU A 94 2.83 -22.46 -5.53
C GLU A 94 4.18 -21.79 -5.33
N ASP A 95 4.15 -20.48 -5.13
CA ASP A 95 5.35 -19.68 -4.94
C ASP A 95 5.73 -19.65 -3.46
N SER A 96 7.03 -19.75 -3.18
CA SER A 96 7.50 -19.73 -1.79
C SER A 96 7.10 -18.44 -1.06
N ARG A 97 6.80 -17.40 -1.83
CA ARG A 97 6.40 -16.14 -1.25
C ARG A 97 4.90 -15.95 -1.37
N GLY A 98 4.20 -16.99 -1.83
CA GLY A 98 2.77 -16.88 -2.01
C GLY A 98 1.87 -17.58 -1.00
N THR A 99 2.46 -18.19 0.01
CA THR A 99 1.68 -18.91 1.01
C THR A 99 1.57 -18.17 2.35
N LEU A 100 1.99 -16.91 2.37
CA LEU A 100 1.94 -16.13 3.61
C LEU A 100 0.53 -15.94 4.16
N PHE A 101 -0.47 -15.96 3.28
CA PHE A 101 -1.84 -15.82 3.76
C PHE A 101 -2.18 -16.92 4.77
N PHE A 102 -1.64 -18.10 4.57
CA PHE A 102 -1.94 -19.21 5.46
C PHE A 102 -1.32 -19.02 6.84
N ASP A 103 -0.30 -18.17 6.90
CA ASP A 103 0.33 -17.88 8.17
C ASP A 103 -0.61 -16.92 8.89
N ILE A 104 -1.26 -16.07 8.09
CA ILE A 104 -2.21 -15.12 8.62
C ILE A 104 -3.39 -15.91 9.20
N ALA A 105 -3.86 -16.89 8.44
CA ALA A 105 -4.99 -17.71 8.86
C ALA A 105 -4.64 -18.45 10.15
N ARG A 106 -3.40 -18.88 10.26
CA ARG A 106 -2.90 -19.59 11.44
C ARG A 106 -2.95 -18.69 12.67
N ILE A 107 -2.57 -17.43 12.49
CA ILE A 107 -2.57 -16.47 13.59
C ILE A 107 -4.01 -16.10 13.97
N VAL A 108 -4.86 -15.93 12.97
CA VAL A 108 -6.25 -15.58 13.20
C VAL A 108 -6.97 -16.70 13.97
N ARG A 109 -6.76 -17.95 13.55
CA ARG A 109 -7.39 -19.08 14.20
C ARG A 109 -7.08 -19.07 15.70
N GLU A 110 -5.84 -18.72 16.02
CA GLU A 110 -5.36 -18.66 17.40
C GLU A 110 -5.76 -17.42 18.20
N LYS A 111 -5.57 -16.23 17.63
CA LYS A 111 -5.87 -14.98 18.34
C LYS A 111 -7.28 -14.43 18.17
N LYS A 112 -7.99 -14.91 17.16
CA LYS A 112 -9.36 -14.47 16.90
C LYS A 112 -9.63 -12.99 17.13
N PRO A 113 -8.96 -12.11 16.36
CA PRO A 113 -9.18 -10.67 16.52
C PRO A 113 -10.57 -10.29 16.02
N LYS A 114 -11.05 -9.11 16.41
CA LYS A 114 -12.36 -8.66 15.97
C LYS A 114 -12.37 -8.44 14.45
N VAL A 115 -11.27 -7.90 13.93
CA VAL A 115 -11.18 -7.59 12.51
C VAL A 115 -9.87 -8.04 11.89
N VAL A 116 -9.94 -8.45 10.62
CA VAL A 116 -8.76 -8.86 9.86
C VAL A 116 -8.79 -7.91 8.65
N PHE A 117 -7.71 -7.15 8.50
CA PHE A 117 -7.61 -6.13 7.46
C PHE A 117 -6.40 -6.43 6.58
N MET A 118 -6.65 -6.89 5.36
CA MET A 118 -5.58 -7.26 4.44
C MET A 118 -5.57 -6.46 3.15
N GLU A 119 -4.41 -6.49 2.47
CA GLU A 119 -4.25 -5.77 1.21
C GLU A 119 -3.33 -6.55 0.29
N ASN A 120 -3.62 -6.49 -1.01
CA ASN A 120 -2.77 -7.12 -2.01
C ASN A 120 -3.05 -6.40 -3.32
N VAL A 121 -2.36 -6.82 -4.38
CA VAL A 121 -2.51 -6.17 -5.67
C VAL A 121 -3.82 -6.55 -6.37
N LYS A 122 -4.25 -5.69 -7.28
CA LYS A 122 -5.50 -5.89 -8.03
C LYS A 122 -5.63 -7.27 -8.66
N ASN A 123 -4.54 -7.76 -9.25
CA ASN A 123 -4.57 -9.06 -9.91
C ASN A 123 -4.88 -10.19 -8.95
N PHE A 124 -4.71 -9.94 -7.65
CA PHE A 124 -5.00 -10.96 -6.64
C PHE A 124 -6.48 -11.35 -6.75
N ALA A 125 -7.32 -10.39 -7.11
CA ALA A 125 -8.76 -10.61 -7.22
C ALA A 125 -9.17 -11.53 -8.38
N SER A 126 -8.36 -11.62 -9.43
CA SER A 126 -8.71 -12.47 -10.57
C SER A 126 -7.74 -13.61 -10.81
N HIS A 127 -6.67 -13.66 -10.01
CA HIS A 127 -5.64 -14.68 -10.13
C HIS A 127 -6.22 -16.10 -10.11
N ASP A 128 -5.69 -16.95 -10.98
CA ASP A 128 -6.13 -18.34 -11.06
C ASP A 128 -7.64 -18.43 -11.22
N ASN A 129 -8.16 -17.71 -12.22
CA ASN A 129 -9.59 -17.72 -12.49
C ASN A 129 -10.46 -17.37 -11.29
N GLY A 130 -9.93 -16.55 -10.39
CA GLY A 130 -10.70 -16.15 -9.22
C GLY A 130 -10.61 -17.11 -8.05
N ASN A 131 -9.93 -18.23 -8.24
CA ASN A 131 -9.79 -19.24 -7.19
C ASN A 131 -9.01 -18.76 -5.98
N THR A 132 -8.00 -17.92 -6.23
CA THR A 132 -7.17 -17.40 -5.16
C THR A 132 -7.98 -16.57 -4.17
N LEU A 133 -8.81 -15.66 -4.69
CA LEU A 133 -9.62 -14.84 -3.81
C LEU A 133 -10.66 -15.71 -3.08
N GLU A 134 -11.24 -16.66 -3.81
CA GLU A 134 -12.25 -17.56 -3.23
C GLU A 134 -11.66 -18.33 -2.05
N VAL A 135 -10.41 -18.76 -2.20
CA VAL A 135 -9.72 -19.49 -1.15
C VAL A 135 -9.57 -18.62 0.09
N VAL A 136 -9.18 -17.36 -0.09
CA VAL A 136 -9.04 -16.46 1.04
C VAL A 136 -10.39 -16.29 1.69
N LYS A 137 -11.40 -16.05 0.85
CA LYS A 137 -12.77 -15.87 1.35
C LYS A 137 -13.21 -17.05 2.18
N ASN A 138 -13.14 -18.24 1.59
CA ASN A 138 -13.56 -19.44 2.30
C ASN A 138 -12.78 -19.69 3.58
N THR A 139 -11.49 -19.42 3.56
CA THR A 139 -10.67 -19.61 4.75
C THR A 139 -11.20 -18.70 5.85
N MET A 140 -11.44 -17.43 5.53
CA MET A 140 -11.95 -16.48 6.51
C MET A 140 -13.33 -16.88 7.03
N ASN A 141 -14.21 -17.31 6.13
CA ASN A 141 -15.53 -17.74 6.54
C ASN A 141 -15.42 -18.93 7.47
N GLU A 142 -14.56 -19.89 7.11
CA GLU A 142 -14.33 -21.07 7.94
C GLU A 142 -13.85 -20.68 9.33
N LEU A 143 -13.09 -19.59 9.41
CA LEU A 143 -12.58 -19.12 10.68
C LEU A 143 -13.64 -18.32 11.42
N ASP A 144 -14.83 -18.26 10.82
CA ASP A 144 -15.98 -17.55 11.40
C ASP A 144 -15.91 -16.04 11.24
N TYR A 145 -15.49 -15.60 10.06
CA TYR A 145 -15.41 -14.18 9.75
C TYR A 145 -16.20 -13.86 8.50
N SER A 146 -16.66 -12.62 8.40
CA SER A 146 -17.37 -12.18 7.23
C SER A 146 -16.23 -11.80 6.29
N PHE A 147 -16.53 -11.58 5.02
CA PHE A 147 -15.49 -11.23 4.07
C PHE A 147 -15.96 -10.14 3.12
N HIS A 148 -15.33 -8.98 3.23
CA HIS A 148 -15.66 -7.84 2.38
C HIS A 148 -14.40 -7.54 1.58
N ALA A 149 -14.50 -7.64 0.26
CA ALA A 149 -13.36 -7.40 -0.59
C ALA A 149 -13.71 -6.48 -1.74
N LYS A 150 -12.82 -5.52 -2.01
CA LYS A 150 -13.06 -4.59 -3.10
C LYS A 150 -11.76 -3.96 -3.55
N VAL A 151 -11.66 -3.74 -4.85
CA VAL A 151 -10.48 -3.12 -5.42
C VAL A 151 -10.72 -1.62 -5.43
N LEU A 152 -9.83 -0.88 -4.78
CA LEU A 152 -9.94 0.58 -4.72
C LEU A 152 -8.72 1.21 -5.40
N ASN A 153 -8.94 2.28 -6.13
CA ASN A 153 -7.89 3.00 -6.84
C ASN A 153 -7.56 4.23 -6.00
N ALA A 154 -6.29 4.41 -5.67
CA ALA A 154 -5.89 5.55 -4.84
C ALA A 154 -6.31 6.90 -5.42
N LEU A 155 -6.38 6.99 -6.75
CA LEU A 155 -6.75 8.25 -7.40
C LEU A 155 -8.15 8.71 -6.99
N ASP A 156 -8.98 7.80 -6.51
CA ASP A 156 -10.33 8.13 -6.07
C ASP A 156 -10.37 8.62 -4.63
N TYR A 157 -9.23 8.59 -3.95
CA TYR A 157 -9.20 9.01 -2.56
C TYR A 157 -8.18 10.09 -2.22
N GLY A 158 -8.06 11.08 -3.10
CA GLY A 158 -7.16 12.20 -2.89
C GLY A 158 -5.67 12.05 -3.13
N ILE A 159 -5.22 10.90 -3.61
CA ILE A 159 -3.80 10.68 -3.87
C ILE A 159 -3.59 10.46 -5.36
N PRO A 160 -2.68 11.23 -5.97
CA PRO A 160 -2.40 11.12 -7.41
C PRO A 160 -1.55 9.94 -7.83
N GLN A 161 -2.11 8.74 -7.70
CA GLN A 161 -1.44 7.51 -8.10
C GLN A 161 -2.50 6.50 -8.53
N LYS A 162 -2.26 5.87 -9.68
CA LYS A 162 -3.17 4.87 -10.22
C LYS A 162 -2.89 3.51 -9.57
N ARG A 163 -2.80 3.51 -8.24
CA ARG A 163 -2.52 2.28 -7.51
C ARG A 163 -3.81 1.54 -7.16
N GLU A 164 -4.08 0.48 -7.89
CA GLU A 164 -5.28 -0.32 -7.67
C GLU A 164 -4.95 -1.50 -6.78
N ARG A 165 -5.65 -1.60 -5.66
CA ARG A 165 -5.38 -2.67 -4.73
C ARG A 165 -6.66 -3.29 -4.19
N ILE A 166 -6.61 -4.58 -3.89
CA ILE A 166 -7.77 -5.22 -3.32
C ILE A 166 -7.60 -5.12 -1.81
N TYR A 167 -8.65 -4.66 -1.14
CA TYR A 167 -8.66 -4.51 0.31
C TYR A 167 -9.67 -5.50 0.84
N MET A 168 -9.25 -6.29 1.82
CA MET A 168 -10.13 -7.30 2.39
C MET A 168 -10.32 -7.03 3.87
N ILE A 169 -11.56 -6.75 4.25
CA ILE A 169 -11.92 -6.46 5.62
C ILE A 169 -12.82 -7.59 6.13
N CYS A 170 -12.41 -8.22 7.23
CA CYS A 170 -13.16 -9.34 7.78
C CYS A 170 -13.56 -9.10 9.24
N PHE A 171 -14.84 -9.31 9.54
CA PHE A 171 -15.34 -9.11 10.90
C PHE A 171 -15.71 -10.47 11.51
N ARG A 172 -15.32 -10.67 12.76
CA ARG A 172 -15.65 -11.93 13.43
C ARG A 172 -17.17 -11.96 13.46
N ASN A 173 -17.75 -13.09 13.08
CA ASN A 173 -19.21 -13.22 13.01
C ASN A 173 -20.05 -12.86 14.23
N ASP A 174 -19.56 -13.17 15.42
CA ASP A 174 -20.31 -12.87 16.63
C ASP A 174 -20.51 -11.37 16.85
N LEU A 175 -19.80 -10.55 16.09
CA LEU A 175 -19.93 -9.09 16.21
C LEU A 175 -21.09 -8.61 15.36
N ASN A 176 -21.58 -9.48 14.48
CA ASN A 176 -22.70 -9.18 13.61
C ASN A 176 -22.62 -7.79 12.98
N ILE A 177 -21.52 -7.53 12.28
CA ILE A 177 -21.35 -6.24 11.62
C ILE A 177 -22.04 -6.31 10.27
N GLN A 178 -23.10 -5.54 10.10
CA GLN A 178 -23.86 -5.53 8.86
C GLN A 178 -23.77 -4.21 8.12
N ASN A 179 -23.03 -3.25 8.67
CA ASN A 179 -22.94 -1.94 8.03
C ASN A 179 -21.56 -1.49 7.58
N PHE A 180 -20.65 -2.43 7.33
CA PHE A 180 -19.33 -2.00 6.87
C PHE A 180 -19.45 -1.58 5.43
N GLN A 181 -18.81 -0.47 5.08
CA GLN A 181 -18.84 -0.02 3.71
C GLN A 181 -17.47 0.50 3.30
N PHE A 182 -17.11 0.23 2.06
CA PHE A 182 -15.85 0.73 1.53
C PHE A 182 -16.07 2.22 1.30
N PRO A 183 -15.05 3.03 1.59
CA PRO A 183 -15.22 4.48 1.38
C PRO A 183 -15.61 4.82 -0.06
N LYS A 184 -16.45 5.85 -0.20
CA LYS A 184 -16.91 6.30 -1.50
C LYS A 184 -15.88 7.22 -2.16
N PRO A 185 -15.68 7.07 -3.48
CA PRO A 185 -14.71 7.91 -4.19
C PRO A 185 -15.09 9.38 -4.20
N PHE A 186 -14.10 10.25 -4.32
CA PHE A 186 -14.34 11.67 -4.40
C PHE A 186 -13.37 12.28 -5.40
N GLU A 187 -13.70 13.46 -5.92
CA GLU A 187 -12.87 14.13 -6.92
C GLU A 187 -11.43 14.37 -6.48
N LEU A 188 -10.50 14.10 -7.37
CA LEU A 188 -9.08 14.30 -7.10
C LEU A 188 -8.70 15.74 -7.41
N ASN A 189 -8.13 16.43 -6.44
CA ASN A 189 -7.70 17.82 -6.66
C ASN A 189 -6.22 17.98 -6.41
N THR A 190 -5.48 16.87 -6.38
CA THR A 190 -4.05 16.88 -6.17
C THR A 190 -3.43 16.01 -7.25
N PHE A 191 -2.39 16.52 -7.90
CA PHE A 191 -1.72 15.80 -8.97
C PHE A 191 -0.23 15.70 -8.69
N VAL A 192 0.48 14.93 -9.52
CA VAL A 192 1.90 14.76 -9.31
C VAL A 192 2.67 16.06 -9.13
N LYS A 193 2.37 17.04 -9.97
CA LYS A 193 3.09 18.31 -9.88
C LYS A 193 2.92 19.03 -8.54
N ASP A 194 1.88 18.69 -7.80
CA ASP A 194 1.66 19.34 -6.51
C ASP A 194 2.51 18.73 -5.39
N LEU A 195 3.08 17.57 -5.64
CA LEU A 195 3.88 16.88 -4.65
C LEU A 195 5.37 16.88 -4.93
N LEU A 196 5.77 17.42 -6.08
CA LEU A 196 7.19 17.46 -6.43
C LEU A 196 8.03 18.36 -5.54
N LEU A 197 9.29 18.02 -5.42
CA LEU A 197 10.25 18.80 -4.63
C LEU A 197 10.81 19.86 -5.57
N PRO A 198 11.51 20.86 -5.02
CA PRO A 198 12.10 21.90 -5.86
C PRO A 198 13.13 21.26 -6.77
N ASP A 199 13.36 21.83 -7.94
CA ASP A 199 14.33 21.27 -8.88
C ASP A 199 15.73 21.09 -8.31
N SER A 200 16.14 21.98 -7.40
CA SER A 200 17.48 21.90 -6.82
C SER A 200 17.72 20.64 -5.98
N GLU A 201 16.65 20.04 -5.49
CA GLU A 201 16.78 18.84 -4.66
C GLU A 201 16.71 17.54 -5.44
N VAL A 202 16.46 17.63 -6.75
CA VAL A 202 16.34 16.44 -7.57
C VAL A 202 17.15 16.47 -8.87
N GLU A 203 18.08 17.40 -8.97
CA GLU A 203 18.91 17.54 -10.16
C GLU A 203 19.63 16.25 -10.52
N HIS A 204 20.09 15.53 -9.50
CA HIS A 204 20.81 14.29 -9.70
C HIS A 204 19.96 13.19 -10.35
N LEU A 205 18.65 13.37 -10.33
CA LEU A 205 17.76 12.37 -10.92
C LEU A 205 17.44 12.66 -12.38
N VAL A 206 17.89 13.81 -12.87
CA VAL A 206 17.66 14.18 -14.26
C VAL A 206 18.55 13.38 -15.20
N ILE A 207 17.94 12.69 -16.15
CA ILE A 207 18.71 11.92 -17.12
C ILE A 207 18.33 12.40 -18.52
N ASP A 208 19.34 12.53 -19.38
CA ASP A 208 19.12 12.98 -20.74
C ASP A 208 19.48 11.87 -21.70
N ARG A 209 18.51 11.01 -22.01
CA ARG A 209 18.78 9.91 -22.93
C ARG A 209 18.49 10.29 -24.37
N LYS A 210 19.49 10.08 -25.21
CA LYS A 210 19.37 10.40 -26.62
C LYS A 210 18.39 9.49 -27.35
N ASP A 211 17.90 8.45 -26.66
CA ASP A 211 16.93 7.56 -27.28
C ASP A 211 15.53 7.90 -26.77
N LEU A 212 15.40 9.10 -26.23
CA LEU A 212 14.12 9.60 -25.72
C LEU A 212 13.22 9.87 -26.91
N VAL A 213 11.99 9.38 -26.86
CA VAL A 213 11.04 9.59 -27.94
C VAL A 213 9.73 10.10 -27.35
N MET A 214 9.45 11.39 -27.54
CA MET A 214 8.22 11.98 -27.03
C MET A 214 7.10 11.63 -28.00
N THR A 215 6.11 10.90 -27.50
CA THR A 215 5.01 10.47 -28.34
C THR A 215 3.76 11.34 -28.24
N ASN A 216 3.61 12.06 -27.12
CA ASN A 216 2.45 12.91 -26.93
C ASN A 216 2.84 14.27 -26.37
N GLN A 217 2.01 15.27 -26.66
CA GLN A 217 2.26 16.62 -26.19
C GLN A 217 1.88 16.74 -24.71
N GLU A 218 2.63 17.56 -23.99
CA GLU A 218 2.34 17.80 -22.59
C GLU A 218 0.94 18.37 -22.49
N ILE A 219 0.26 18.11 -21.39
CA ILE A 219 -1.08 18.65 -21.19
C ILE A 219 -0.98 19.79 -20.19
N GLU A 220 -1.83 20.81 -20.36
CA GLU A 220 -1.82 21.95 -19.46
C GLU A 220 -2.91 21.84 -18.40
N GLN A 221 -3.91 21.02 -18.66
CA GLN A 221 -5.02 20.83 -17.72
C GLN A 221 -4.80 19.55 -16.93
N THR A 222 -4.89 19.64 -15.61
CA THR A 222 -4.71 18.48 -14.75
C THR A 222 -5.82 17.48 -15.02
N THR A 223 -5.49 16.20 -14.95
CA THR A 223 -6.44 15.13 -15.19
C THR A 223 -6.18 13.96 -14.23
N PRO A 224 -7.24 13.33 -13.71
CA PRO A 224 -7.10 12.21 -12.79
C PRO A 224 -6.74 10.87 -13.44
N LYS A 225 -5.74 10.88 -14.32
CA LYS A 225 -5.32 9.65 -14.97
C LYS A 225 -3.85 9.75 -15.38
N THR A 226 -3.23 8.60 -15.66
CA THR A 226 -1.83 8.62 -16.08
C THR A 226 -1.81 9.08 -17.53
N VAL A 227 -0.90 9.98 -17.83
CA VAL A 227 -0.79 10.52 -19.19
C VAL A 227 0.62 10.27 -19.69
N ARG A 228 0.79 9.30 -20.58
CA ARG A 228 2.12 9.05 -21.10
C ARG A 228 2.53 10.09 -22.12
N LEU A 229 3.77 10.56 -22.01
CA LEU A 229 4.28 11.57 -22.91
C LEU A 229 5.35 11.04 -23.83
N GLY A 230 5.99 9.95 -23.43
CA GLY A 230 7.04 9.37 -24.26
C GLY A 230 7.74 8.19 -23.62
N ILE A 231 8.76 7.68 -24.30
CA ILE A 231 9.52 6.55 -23.77
C ILE A 231 11.00 6.61 -24.15
N VAL A 232 11.79 5.73 -23.54
CA VAL A 232 13.20 5.62 -23.85
C VAL A 232 13.36 4.12 -24.09
N GLY A 233 14.44 3.73 -24.76
CA GLY A 233 14.62 2.32 -25.03
C GLY A 233 13.41 1.78 -25.77
N LYS A 234 12.95 0.60 -25.37
CA LYS A 234 11.80 -0.02 -26.01
C LYS A 234 10.49 0.32 -25.30
N GLY A 235 10.54 1.22 -24.34
CA GLY A 235 9.35 1.62 -23.63
C GLY A 235 8.78 0.57 -22.67
N GLY A 236 9.66 -0.24 -22.09
CA GLY A 236 9.22 -1.25 -21.15
C GLY A 236 9.02 -0.62 -19.80
N GLN A 237 8.84 -1.44 -18.76
CA GLN A 237 8.64 -0.91 -17.41
C GLN A 237 9.84 -0.06 -17.03
N GLY A 238 9.59 1.11 -16.48
CA GLY A 238 10.69 1.99 -16.10
C GLY A 238 11.27 2.76 -17.27
N GLU A 239 10.70 2.60 -18.45
CA GLU A 239 11.20 3.31 -19.63
C GLU A 239 10.08 4.16 -20.24
N ARG A 240 9.10 4.51 -19.41
CA ARG A 240 7.97 5.31 -19.86
C ARG A 240 7.95 6.62 -19.10
N ILE A 241 7.63 7.71 -19.81
CA ILE A 241 7.61 9.04 -19.23
C ILE A 241 6.20 9.59 -19.19
N TYR A 242 5.81 10.11 -18.03
CA TYR A 242 4.46 10.64 -17.84
C TYR A 242 4.39 12.11 -17.48
N SER A 243 3.20 12.68 -17.64
CA SER A 243 2.98 14.08 -17.31
C SER A 243 2.71 14.25 -15.82
N THR A 244 3.30 15.30 -15.22
CA THR A 244 3.09 15.59 -13.81
C THR A 244 1.73 16.24 -13.61
N ARG A 245 1.06 16.61 -14.70
CA ARG A 245 -0.28 17.21 -14.58
C ARG A 245 -1.30 16.09 -14.45
N GLY A 246 -0.83 14.85 -14.57
CA GLY A 246 -1.70 13.70 -14.41
C GLY A 246 -1.39 13.05 -13.08
N ILE A 247 -1.56 11.73 -12.98
CA ILE A 247 -1.27 11.05 -11.74
C ILE A 247 -0.09 10.11 -11.94
N ALA A 248 0.50 9.65 -10.85
CA ALA A 248 1.66 8.77 -10.91
C ALA A 248 1.28 7.32 -11.20
N ILE A 249 2.17 6.60 -11.87
CA ILE A 249 1.91 5.19 -12.14
C ILE A 249 2.18 4.47 -10.82
N THR A 250 1.80 3.21 -10.75
CA THR A 250 2.00 2.42 -9.55
C THR A 250 3.48 2.26 -9.21
N LEU A 251 3.86 2.64 -7.98
CA LEU A 251 5.24 2.50 -7.54
C LEU A 251 5.48 1.00 -7.33
N SER A 252 6.67 0.51 -7.68
CA SER A 252 6.99 -0.91 -7.53
C SER A 252 8.25 -1.17 -6.70
N ALA A 253 8.38 -2.39 -6.20
CA ALA A 253 9.48 -2.76 -5.33
C ALA A 253 10.75 -3.35 -5.95
N TYR A 254 10.58 -4.20 -6.96
CA TYR A 254 11.73 -4.83 -7.62
C TYR A 254 11.82 -4.36 -9.07
N GLY A 255 11.06 -3.31 -9.39
CA GLY A 255 11.03 -2.79 -10.73
C GLY A 255 12.36 -2.36 -11.31
N GLY A 256 12.46 -2.46 -12.65
CA GLY A 256 13.67 -2.08 -13.34
C GLY A 256 13.45 -0.95 -14.32
N GLY A 257 14.34 -0.82 -15.30
CA GLY A 257 14.24 0.26 -16.26
C GLY A 257 15.00 1.45 -15.73
N ILE A 258 15.33 2.40 -16.60
CA ILE A 258 16.09 3.58 -16.18
C ILE A 258 15.35 4.43 -15.13
N PHE A 259 14.02 4.41 -15.15
CA PHE A 259 13.22 5.14 -14.17
C PHE A 259 12.63 4.10 -13.22
N ALA A 260 13.49 3.20 -12.76
CA ALA A 260 13.10 2.10 -11.89
C ALA A 260 12.27 2.41 -10.65
N LYS A 261 11.17 1.66 -10.49
CA LYS A 261 10.29 1.75 -9.34
C LYS A 261 9.39 2.98 -9.17
N THR A 262 9.56 4.01 -9.98
CA THR A 262 8.73 5.20 -9.85
C THR A 262 8.17 5.64 -11.20
N GLY A 263 8.89 5.35 -12.26
CA GLY A 263 8.47 5.78 -13.58
C GLY A 263 9.14 7.11 -13.84
N GLY A 264 9.15 7.56 -15.09
CA GLY A 264 9.77 8.83 -15.42
C GLY A 264 8.73 9.91 -15.60
N TYR A 265 9.11 11.17 -15.37
CA TYR A 265 8.19 12.29 -15.50
C TYR A 265 8.85 13.50 -16.15
N LEU A 266 8.06 14.26 -16.91
CA LEU A 266 8.55 15.47 -17.56
C LEU A 266 8.40 16.60 -16.55
N VAL A 267 9.52 17.13 -16.08
CA VAL A 267 9.49 18.20 -15.11
C VAL A 267 10.31 19.37 -15.63
N ASN A 268 9.64 20.50 -15.87
CA ASN A 268 10.32 21.69 -16.37
C ASN A 268 11.28 21.41 -17.52
N GLY A 269 10.79 20.71 -18.55
CA GLY A 269 11.59 20.42 -19.72
C GLY A 269 12.56 19.26 -19.64
N LYS A 270 12.73 18.69 -18.45
CA LYS A 270 13.66 17.58 -18.27
C LYS A 270 12.92 16.30 -17.85
N THR A 271 13.54 15.15 -18.08
CA THR A 271 12.95 13.88 -17.71
C THR A 271 13.71 13.28 -16.53
N ARG A 272 12.98 12.86 -15.50
CA ARG A 272 13.61 12.27 -14.32
C ARG A 272 12.66 11.35 -13.56
N LYS A 273 13.23 10.46 -12.75
CA LYS A 273 12.40 9.58 -11.95
C LYS A 273 12.09 10.36 -10.66
N LEU A 274 11.24 9.80 -9.80
CA LEU A 274 10.89 10.47 -8.57
C LEU A 274 11.94 10.27 -7.49
N HIS A 275 11.98 11.22 -6.57
CA HIS A 275 12.88 11.23 -5.42
C HIS A 275 12.15 10.42 -4.35
N PRO A 276 12.89 9.74 -3.44
CA PRO A 276 12.22 8.96 -2.39
C PRO A 276 11.16 9.75 -1.60
N ARG A 277 11.41 11.04 -1.39
CA ARG A 277 10.46 11.88 -0.66
C ARG A 277 9.20 12.09 -1.50
N GLU A 278 9.36 12.15 -2.81
CA GLU A 278 8.20 12.31 -3.68
C GLU A 278 7.43 10.99 -3.70
N CYS A 279 8.15 9.89 -3.60
CA CYS A 279 7.49 8.57 -3.56
C CYS A 279 6.66 8.50 -2.29
N ALA A 280 7.22 9.00 -1.20
CA ALA A 280 6.52 9.02 0.08
C ALA A 280 5.20 9.77 -0.06
N ARG A 281 5.26 10.95 -0.68
CA ARG A 281 4.07 11.78 -0.87
C ARG A 281 3.05 11.10 -1.76
N VAL A 282 3.49 10.48 -2.85
N VAL A 282 3.52 10.48 -2.84
CA VAL A 282 2.57 9.81 -3.75
CA VAL A 282 2.65 9.77 -3.78
C VAL A 282 1.94 8.60 -3.04
C VAL A 282 2.00 8.57 -3.08
N MET A 283 2.55 8.19 -1.94
CA MET A 283 2.02 7.05 -1.16
C MET A 283 1.25 7.57 0.06
N GLY A 284 1.11 8.89 0.14
CA GLY A 284 0.37 9.48 1.25
C GLY A 284 1.11 9.60 2.55
N TYR A 285 2.42 9.36 2.53
CA TYR A 285 3.22 9.46 3.75
C TYR A 285 3.50 10.92 4.07
N PRO A 286 3.44 11.28 5.37
CA PRO A 286 3.71 12.65 5.79
C PRO A 286 5.18 12.95 5.64
N ASP A 287 5.53 14.22 5.42
CA ASP A 287 6.93 14.57 5.27
C ASP A 287 7.72 14.29 6.54
N SER A 288 7.02 14.10 7.65
CA SER A 288 7.70 13.81 8.90
C SER A 288 8.24 12.38 8.95
N TYR A 289 7.73 11.52 8.08
CA TYR A 289 8.19 10.13 8.03
C TYR A 289 9.63 10.10 7.48
N LYS A 290 10.52 9.45 8.23
CA LYS A 290 11.93 9.36 7.85
C LYS A 290 12.19 8.21 6.88
N VAL A 291 12.72 8.53 5.70
CA VAL A 291 12.99 7.50 4.72
C VAL A 291 14.32 6.80 5.00
N HIS A 292 14.46 5.58 4.52
CA HIS A 292 15.67 4.83 4.75
C HIS A 292 16.86 5.52 4.07
N PRO A 293 18.03 5.52 4.72
CA PRO A 293 19.23 6.16 4.17
C PRO A 293 19.67 5.63 2.81
N SER A 294 19.29 4.40 2.48
CA SER A 294 19.63 3.82 1.18
C SER A 294 18.49 4.16 0.23
N THR A 295 18.76 4.95 -0.80
CA THR A 295 17.70 5.33 -1.72
C THR A 295 17.12 4.11 -2.43
N SER A 296 17.97 3.14 -2.74
CA SER A 296 17.50 1.95 -3.44
C SER A 296 16.52 1.21 -2.55
N GLN A 297 16.84 1.09 -1.27
CA GLN A 297 15.97 0.41 -0.33
C GLN A 297 14.69 1.21 -0.11
N ALA A 298 14.83 2.54 -0.08
CA ALA A 298 13.69 3.42 0.11
C ALA A 298 12.69 3.26 -1.05
N TYR A 299 13.18 3.24 -2.27
CA TYR A 299 12.33 3.07 -3.45
C TYR A 299 11.61 1.71 -3.35
N LYS A 300 12.36 0.69 -2.94
CA LYS A 300 11.83 -0.66 -2.80
C LYS A 300 10.71 -0.69 -1.75
N GLN A 301 10.96 -0.05 -0.61
CA GLN A 301 10.01 -0.02 0.48
C GLN A 301 8.73 0.71 0.13
N PHE A 302 8.84 1.89 -0.49
CA PHE A 302 7.62 2.61 -0.87
C PHE A 302 6.89 1.84 -1.97
N GLY A 303 7.66 1.17 -2.83
CA GLY A 303 7.08 0.40 -3.91
C GLY A 303 6.26 -0.78 -3.42
N ASN A 304 6.62 -1.28 -2.24
CA ASN A 304 5.93 -2.41 -1.62
C ASN A 304 4.77 -1.95 -0.75
N SER A 305 4.78 -0.68 -0.38
CA SER A 305 3.81 -0.13 0.55
C SER A 305 2.37 0.09 0.15
N VAL A 306 1.68 0.83 1.01
CA VAL A 306 0.27 1.15 0.86
C VAL A 306 0.08 2.67 0.89
N VAL A 307 -1.02 3.12 0.31
CA VAL A 307 -1.34 4.55 0.29
C VAL A 307 -2.05 4.81 1.62
N ILE A 308 -1.40 5.60 2.49
CA ILE A 308 -1.94 5.89 3.81
C ILE A 308 -3.38 6.37 3.82
N ASN A 309 -3.68 7.37 3.00
CA ASN A 309 -5.03 7.94 2.93
C ASN A 309 -6.10 6.88 2.70
N VAL A 310 -5.87 5.96 1.77
CA VAL A 310 -6.85 4.91 1.49
C VAL A 310 -7.11 4.06 2.73
N LEU A 311 -6.04 3.64 3.40
N LEU A 311 -6.04 3.65 3.40
CA LEU A 311 -6.19 2.82 4.60
CA LEU A 311 -6.19 2.82 4.60
C LEU A 311 -6.88 3.59 5.71
C LEU A 311 -6.88 3.59 5.71
N GLN A 312 -6.66 4.91 5.76
CA GLN A 312 -7.28 5.74 6.77
C GLN A 312 -8.80 5.73 6.63
N TYR A 313 -9.27 5.95 5.40
CA TYR A 313 -10.71 5.96 5.15
C TYR A 313 -11.31 4.59 5.46
N ILE A 314 -10.60 3.53 5.11
CA ILE A 314 -11.08 2.19 5.40
C ILE A 314 -11.09 1.94 6.90
N ALA A 315 -9.99 2.31 7.56
CA ALA A 315 -9.87 2.10 9.01
C ALA A 315 -10.96 2.88 9.75
N TYR A 316 -11.26 4.08 9.26
CA TYR A 316 -12.29 4.92 9.87
C TYR A 316 -13.63 4.21 9.76
N ASN A 317 -13.87 3.60 8.61
CA ASN A 317 -15.11 2.88 8.37
C ASN A 317 -15.21 1.58 9.15
N ILE A 318 -14.06 0.97 9.43
CA ILE A 318 -14.05 -0.25 10.23
C ILE A 318 -14.50 0.16 11.64
N GLY A 319 -13.88 1.23 12.14
CA GLY A 319 -14.22 1.72 13.47
C GLY A 319 -15.67 2.17 13.55
N SER A 320 -16.15 2.86 12.51
CA SER A 320 -17.52 3.34 12.48
C SER A 320 -18.48 2.15 12.65
N SER A 321 -18.20 1.07 11.95
CA SER A 321 -19.03 -0.12 12.04
C SER A 321 -18.95 -0.75 13.42
N LEU A 322 -17.75 -0.90 13.95
CA LEU A 322 -17.58 -1.49 15.27
C LEU A 322 -18.27 -0.67 16.37
N ASN A 323 -18.28 0.65 16.20
CA ASN A 323 -18.87 1.53 17.21
C ASN A 323 -20.38 1.65 17.17
N PHE A 324 -21.01 1.13 16.12
CA PHE A 324 -22.46 1.20 16.03
C PHE A 324 -23.06 0.00 16.76
N LYS A 325 -23.38 0.19 18.03
CA LYS A 325 -23.95 -0.87 18.86
C LYS A 325 -25.20 -0.37 19.57
N PRO A 326 -26.28 -0.14 18.82
CA PRO A 326 -27.51 0.33 19.46
C PRO A 326 -28.16 -0.72 20.35
N TYR A 327 -29.04 -0.26 21.24
CA TYR A 327 -29.77 -1.16 22.12
C TYR A 327 -30.90 -1.78 21.30
#